data_6NUQ
#
_entry.id   6NUQ
#
_cell.length_a   84.187
_cell.length_b   84.187
_cell.length_c   206.367
_cell.angle_alpha   90.000
_cell.angle_beta   90.000
_cell.angle_gamma   90.000
#
_symmetry.space_group_name_H-M   'P 41 21 2'
#
loop_
_entity.id
_entity.type
_entity.pdbx_description
1 polymer 'Signal transducer and activator of transcription 3'
2 non-polymer '[(2-{[(5S,8S,10aR)-3-acetyl-8-({(2S)-5-amino-1-[(diphenylmethyl)amino]-1,5-dioxopentan-2-yl}carbamoyl)-6-oxodecahydropyrrolo[1,2-a][1,5]diazocin-5-yl]carbamoyl}-1H-indol-5-yl)(difluoro)methyl]phosphonic acid (non-preferred name)'
3 water water
#
_entity_poly.entity_id   1
_entity_poly.type   'polypeptide(L)'
_entity_poly.pdbx_seq_one_letter_code
;GQANHPTAAVVTEKQQMLEQHLQDVRKRVQDLEQKMKVVENLQDDFDFNYKTLKSQGDMQDLNGNNQSVTRQKMQQLEQM
LTALDQMRRSIVSELAGLLSAMEYVQKTLTDEELADWKRRQQIACIGGPPNICLDRLENWITSLAESQLQTRQQIKKLEE
LQQKVSYKGDPIVQHRPMLEERIVELFRNLMKSAFVVERQPCMPMHPDRPLVIKTGVQFTTKVRLLVKFPELNYQLKIKV
CIDKDSGDVAALRGSRKFNILGTNTKVMNMEESNNGSLSAEFKHLTLREQRCGNGGRANCDASLIVTEELHLITFETEVY
HQGLKIDLETHSLPVVVISNICQMPNAWASILWYNMLTNNPKNVNFFTKPPIGTWDQVAEVLSWQFSSTTKRGLSIEQLT
TLAEKLLGPGVNYSGCQITWAKFCKENMAGKGFSFWVWLDNIIDLVKKYILALWNEGYIMGFISKERERAILSTKPPGTF
LLRFSESSKEGGVTFTWVEKDISGKTQIQSVEPYTKQQLNNMSFAEIIMGYKIMDATNILVSPLVYLYPDIPKEEAFGKY
CR
;
_entity_poly.pdbx_strand_id   A
#
loop_
_chem_comp.id
_chem_comp.type
_chem_comp.name
_chem_comp.formula
KQV non-polymer '[(2-{[(5S,8S,10aR)-3-acetyl-8-({(2S)-5-amino-1-[(diphenylmethyl)amino]-1,5-dioxopentan-2-yl}carbamoyl)-6-oxodecahydropyrrolo[1,2-a][1,5]diazocin-5-yl]carbamoyl}-1H-indol-5-yl)(difluoro)methyl]phosphonic acid (non-preferred name)' 'C40 H44 F2 N7 O9 P'
#
# COMPACT_ATOMS: atom_id res chain seq x y z
N VAL A 10 7.74 3.81 14.93
CA VAL A 10 8.33 5.05 15.44
C VAL A 10 7.52 6.27 14.94
N VAL A 11 7.06 7.12 15.88
CA VAL A 11 6.28 8.33 15.56
C VAL A 11 7.22 9.44 15.08
N THR A 12 6.92 10.02 13.90
CA THR A 12 7.69 11.09 13.26
C THR A 12 7.40 12.46 13.92
N GLU A 13 8.23 13.48 13.61
CA GLU A 13 8.10 14.85 14.08
C GLU A 13 6.86 15.50 13.45
N LYS A 14 6.62 15.21 12.15
CA LYS A 14 5.49 15.69 11.35
C LYS A 14 4.17 15.13 11.92
N GLN A 15 4.19 13.87 12.40
CA GLN A 15 3.05 13.16 12.99
C GLN A 15 2.74 13.64 14.40
N GLN A 16 3.77 14.02 15.18
CA GLN A 16 3.61 14.52 16.55
C GLN A 16 3.03 15.93 16.52
N MET A 17 3.42 16.74 15.51
CA MET A 17 2.93 18.10 15.28
C MET A 17 1.47 18.05 14.84
N LEU A 18 1.10 17.01 14.06
CA LEU A 18 -0.26 16.74 13.58
C LEU A 18 -1.17 16.36 14.76
N GLU A 19 -0.66 15.52 15.70
CA GLU A 19 -1.38 15.07 16.90
C GLU A 19 -1.73 16.28 17.80
N GLN A 20 -0.80 17.26 17.92
CA GLN A 20 -1.01 18.47 18.70
C GLN A 20 -1.94 19.44 17.97
N HIS A 21 -1.79 19.57 16.63
CA HIS A 21 -2.64 20.41 15.78
C HIS A 21 -4.12 19.98 15.85
N LEU A 22 -4.38 18.66 15.96
CA LEU A 22 -5.73 18.10 16.10
C LEU A 22 -6.27 18.36 17.50
N GLN A 23 -5.41 18.21 18.54
CA GLN A 23 -5.74 18.47 19.95
C GLN A 23 -6.06 19.94 20.18
N ASP A 24 -5.38 20.83 19.42
CA ASP A 24 -5.58 22.29 19.45
C ASP A 24 -6.91 22.64 18.79
N VAL A 25 -7.30 21.85 17.76
CA VAL A 25 -8.58 22.00 17.05
C VAL A 25 -9.71 21.63 18.01
N ARG A 26 -9.57 20.49 18.74
CA ARG A 26 -10.54 20.02 19.73
C ARG A 26 -10.72 21.04 20.85
N LYS A 27 -9.61 21.64 21.34
CA LYS A 27 -9.62 22.66 22.39
C LYS A 27 -10.35 23.92 21.91
N ARG A 28 -10.12 24.34 20.65
CA ARG A 28 -10.75 25.52 20.03
C ARG A 28 -12.25 25.30 19.85
N VAL A 29 -12.64 24.08 19.43
CA VAL A 29 -14.03 23.65 19.22
C VAL A 29 -14.77 23.67 20.57
N GLN A 30 -14.12 23.17 21.63
CA GLN A 30 -14.69 23.12 22.97
C GLN A 30 -14.81 24.52 23.59
N ASP A 31 -13.87 25.44 23.27
CA ASP A 31 -13.88 26.83 23.73
C ASP A 31 -15.03 27.62 23.10
N LEU A 32 -15.31 27.34 21.81
CA LEU A 32 -16.41 27.98 21.08
C LEU A 32 -17.76 27.51 21.58
N GLU A 33 -17.86 26.25 22.04
CA GLU A 33 -19.08 25.64 22.61
C GLU A 33 -19.53 26.42 23.84
N GLN A 34 -18.54 26.84 24.67
CA GLN A 34 -18.75 27.64 25.88
C GLN A 34 -19.20 29.06 25.53
N LYS A 35 -18.65 29.64 24.43
CA LYS A 35 -19.04 30.97 23.96
C LYS A 35 -20.46 30.93 23.38
N MET A 36 -20.80 29.82 22.69
CA MET A 36 -22.13 29.58 22.12
C MET A 36 -23.21 29.53 23.20
N LYS A 37 -22.87 28.98 24.38
CA LYS A 37 -23.78 28.89 25.53
C LYS A 37 -24.07 30.28 26.09
N VAL A 38 -23.02 31.11 26.25
CA VAL A 38 -23.08 32.48 26.77
C VAL A 38 -23.87 33.39 25.81
N VAL A 39 -23.62 33.30 24.49
CA VAL A 39 -24.33 34.11 23.49
C VAL A 39 -25.83 33.74 23.43
N GLU A 40 -26.15 32.44 23.63
CA GLU A 40 -27.52 31.94 23.63
C GLU A 40 -28.26 32.44 24.87
N ASN A 41 -27.61 32.41 26.05
CA ASN A 41 -28.20 32.90 27.30
C ASN A 41 -28.45 34.41 27.31
N LEU A 42 -27.53 35.18 26.67
CA LEU A 42 -27.64 36.64 26.56
C LEU A 42 -28.80 37.00 25.63
N GLN A 43 -28.94 36.25 24.50
CA GLN A 43 -30.02 36.45 23.53
C GLN A 43 -31.36 36.06 24.14
N ASP A 44 -31.40 34.95 24.91
CA ASP A 44 -32.60 34.46 25.58
C ASP A 44 -33.10 35.47 26.61
N ASP A 45 -32.16 36.19 27.26
CA ASP A 45 -32.44 37.24 28.22
C ASP A 45 -32.97 38.48 27.50
N PHE A 46 -32.33 38.85 26.38
CA PHE A 46 -32.76 40.00 25.57
C PHE A 46 -34.15 39.77 24.99
N ASP A 47 -34.41 38.57 24.43
CA ASP A 47 -35.69 38.13 23.85
C ASP A 47 -36.78 38.20 24.91
N PHE A 48 -36.50 37.67 26.12
CA PHE A 48 -37.45 37.66 27.23
C PHE A 48 -37.81 39.08 27.68
N ASN A 49 -36.79 39.89 28.01
CA ASN A 49 -36.96 41.28 28.46
C ASN A 49 -37.63 42.18 27.43
N TYR A 50 -37.41 41.91 26.13
CA TYR A 50 -38.05 42.65 25.04
C TYR A 50 -39.56 42.39 25.03
N LYS A 51 -39.97 41.11 24.97
CA LYS A 51 -41.35 40.64 24.94
C LYS A 51 -42.16 40.98 26.21
N THR A 52 -41.48 41.34 27.31
CA THR A 52 -42.11 41.67 28.59
C THR A 52 -42.02 43.16 28.93
N LEU A 53 -42.85 43.60 29.92
CA LEU A 53 -43.00 44.98 30.41
C LEU A 53 -43.31 45.98 29.26
N LYS A 54 -44.24 45.57 28.37
CA LYS A 54 -44.71 46.32 27.21
C LYS A 54 -46.07 46.95 27.52
N ASN A 66 -42.63 58.04 37.41
CA ASN A 66 -42.58 56.57 37.48
C ASN A 66 -42.71 55.90 36.10
N GLN A 67 -43.16 56.65 35.07
CA GLN A 67 -43.30 56.15 33.69
C GLN A 67 -41.94 56.13 32.96
N SER A 68 -40.92 56.84 33.52
CA SER A 68 -39.55 56.93 32.99
C SER A 68 -38.66 55.70 33.35
N VAL A 69 -39.22 54.73 34.10
CA VAL A 69 -38.59 53.46 34.46
C VAL A 69 -38.54 52.61 33.17
N THR A 70 -39.53 52.81 32.26
CA THR A 70 -39.61 52.17 30.94
C THR A 70 -38.42 52.61 30.07
N ARG A 71 -37.94 53.86 30.25
CA ARG A 71 -36.78 54.43 29.55
C ARG A 71 -35.48 53.78 30.03
N GLN A 72 -35.41 53.38 31.32
CA GLN A 72 -34.26 52.70 31.92
C GLN A 72 -34.16 51.25 31.44
N LYS A 73 -35.34 50.61 31.22
CA LYS A 73 -35.46 49.23 30.71
C LYS A 73 -35.04 49.19 29.23
N MET A 74 -35.33 50.27 28.48
CA MET A 74 -34.97 50.43 27.06
C MET A 74 -33.45 50.52 26.91
N GLN A 75 -32.77 51.24 27.85
CA GLN A 75 -31.30 51.39 27.89
C GLN A 75 -30.63 50.03 28.15
N GLN A 76 -31.26 49.19 29.01
CA GLN A 76 -30.80 47.84 29.33
C GLN A 76 -30.83 46.95 28.08
N LEU A 77 -31.94 47.02 27.32
CA LEU A 77 -32.16 46.26 26.09
C LEU A 77 -31.19 46.67 24.97
N GLU A 78 -30.86 47.98 24.88
CA GLU A 78 -29.91 48.52 23.90
C GLU A 78 -28.49 48.02 24.21
N GLN A 79 -28.12 48.02 25.50
CA GLN A 79 -26.82 47.57 26.00
C GLN A 79 -26.66 46.07 25.77
N MET A 80 -27.73 45.29 26.01
CA MET A 80 -27.76 43.84 25.82
C MET A 80 -27.60 43.47 24.35
N LEU A 81 -28.26 44.22 23.45
CA LEU A 81 -28.18 44.00 22.01
C LEU A 81 -26.81 44.37 21.44
N THR A 82 -26.19 45.45 21.97
CA THR A 82 -24.85 45.86 21.55
C THR A 82 -23.81 44.84 22.02
N ALA A 83 -24.02 44.27 23.22
CA ALA A 83 -23.18 43.21 23.80
C ALA A 83 -23.35 41.93 23.01
N LEU A 84 -24.59 41.65 22.55
CA LEU A 84 -24.96 40.49 21.72
C LEU A 84 -24.20 40.58 20.40
N ASP A 85 -24.16 41.80 19.78
CA ASP A 85 -23.46 42.04 18.52
C ASP A 85 -21.97 41.72 18.64
N GLN A 86 -21.31 42.23 19.69
CA GLN A 86 -19.88 42.04 19.96
C GLN A 86 -19.52 40.57 20.19
N MET A 87 -20.41 39.81 20.88
CA MET A 87 -20.23 38.38 21.13
C MET A 87 -20.37 37.59 19.83
N ARG A 88 -21.32 38.02 18.97
CA ARG A 88 -21.59 37.42 17.66
C ARG A 88 -20.43 37.67 16.71
N ARG A 89 -19.90 38.92 16.67
CA ARG A 89 -18.75 39.30 15.84
C ARG A 89 -17.51 38.50 16.22
N SER A 90 -17.34 38.23 17.53
CA SER A 90 -16.22 37.46 18.08
C SER A 90 -16.31 36.00 17.65
N ILE A 91 -17.47 35.32 17.91
CA ILE A 91 -17.73 33.92 17.58
C ILE A 91 -17.52 33.65 16.07
N VAL A 92 -18.12 34.48 15.21
CA VAL A 92 -18.02 34.39 13.76
C VAL A 92 -16.55 34.39 13.28
N SER A 93 -15.73 35.34 13.76
CA SER A 93 -14.30 35.42 13.41
C SER A 93 -13.49 34.29 14.03
N GLU A 94 -13.88 33.83 15.25
CA GLU A 94 -13.25 32.71 15.96
C GLU A 94 -13.49 31.40 15.18
N LEU A 95 -14.69 31.28 14.56
CA LEU A 95 -15.08 30.13 13.74
C LEU A 95 -14.34 30.17 12.42
N ALA A 96 -14.16 31.37 11.83
CA ALA A 96 -13.43 31.56 10.57
C ALA A 96 -11.97 31.14 10.71
N GLY A 97 -11.37 31.46 11.85
CA GLY A 97 -10.00 31.10 12.19
C GLY A 97 -9.84 29.62 12.44
N LEU A 98 -10.90 28.99 13.01
CA LEU A 98 -10.94 27.55 13.31
C LEU A 98 -11.00 26.74 12.01
N LEU A 99 -11.80 27.19 11.05
CA LEU A 99 -11.98 26.55 9.74
C LEU A 99 -10.69 26.57 8.93
N SER A 100 -9.96 27.70 8.97
CA SER A 100 -8.67 27.90 8.30
C SER A 100 -7.64 26.93 8.87
N ALA A 101 -7.67 26.73 10.21
CA ALA A 101 -6.78 25.80 10.91
C ALA A 101 -7.12 24.37 10.50
N MET A 102 -8.44 24.04 10.45
CA MET A 102 -8.97 22.73 10.05
C MET A 102 -8.54 22.39 8.62
N GLU A 103 -8.60 23.37 7.71
CA GLU A 103 -8.21 23.26 6.30
C GLU A 103 -6.75 22.87 6.14
N TYR A 104 -5.86 23.50 6.93
CA TYR A 104 -4.43 23.24 6.91
C TYR A 104 -4.12 21.82 7.39
N VAL A 105 -4.62 21.47 8.60
CA VAL A 105 -4.46 20.16 9.24
C VAL A 105 -5.04 19.04 8.36
N GLN A 106 -6.18 19.29 7.67
CA GLN A 106 -6.78 18.32 6.75
C GLN A 106 -5.87 18.06 5.55
N LYS A 107 -5.26 19.13 4.99
CA LYS A 107 -4.32 19.02 3.86
C LYS A 107 -3.10 18.17 4.24
N THR A 108 -2.61 18.33 5.47
CA THR A 108 -1.49 17.56 6.00
C THR A 108 -1.93 16.09 6.21
N LEU A 109 -3.14 15.88 6.77
CA LEU A 109 -3.68 14.56 7.07
C LEU A 109 -4.03 13.71 5.83
N THR A 110 -4.78 14.29 4.87
CA THR A 110 -5.25 13.59 3.68
C THR A 110 -4.22 13.61 2.53
N ASP A 111 -3.77 14.80 2.11
CA ASP A 111 -2.85 14.95 0.98
C ASP A 111 -1.40 14.51 1.29
N GLU A 112 -1.03 14.40 2.57
CA GLU A 112 0.33 13.99 2.92
C GLU A 112 0.37 12.69 3.73
N GLU A 113 -0.19 12.65 4.95
CA GLU A 113 -0.15 11.45 5.81
C GLU A 113 -0.91 10.24 5.26
N LEU A 114 -2.05 10.46 4.57
CA LEU A 114 -2.85 9.38 3.99
C LEU A 114 -2.22 8.85 2.69
N ALA A 115 -1.68 9.77 1.86
CA ALA A 115 -1.02 9.47 0.58
C ALA A 115 0.23 8.58 0.80
N ASP A 116 0.96 8.81 1.92
CA ASP A 116 2.13 8.02 2.31
C ASP A 116 1.73 6.58 2.59
N TRP A 117 0.59 6.38 3.29
CA TRP A 117 0.05 5.05 3.58
C TRP A 117 -0.34 4.34 2.29
N LYS A 118 -1.02 5.07 1.37
CA LYS A 118 -1.44 4.54 0.06
C LYS A 118 -0.23 4.03 -0.74
N ARG A 119 0.89 4.77 -0.69
CA ARG A 119 2.17 4.42 -1.33
C ARG A 119 2.81 3.24 -0.58
N ARG A 120 2.74 3.26 0.77
CA ARG A 120 3.25 2.17 1.61
C ARG A 120 2.51 0.86 1.32
N GLN A 121 1.21 0.95 0.92
CA GLN A 121 0.38 -0.20 0.56
C GLN A 121 0.85 -0.76 -0.80
N GLN A 122 1.11 0.12 -1.81
CA GLN A 122 1.60 -0.23 -3.14
C GLN A 122 2.90 -1.04 -3.01
N ILE A 123 3.81 -0.56 -2.15
CA ILE A 123 5.11 -1.15 -1.85
C ILE A 123 4.95 -2.52 -1.15
N ALA A 124 4.07 -2.59 -0.12
CA ALA A 124 3.78 -3.83 0.63
C ALA A 124 3.17 -4.90 -0.26
N CYS A 125 2.38 -4.48 -1.29
CA CYS A 125 1.73 -5.33 -2.27
C CYS A 125 2.77 -6.10 -3.11
N ILE A 126 3.88 -5.42 -3.49
CA ILE A 126 5.01 -5.96 -4.26
C ILE A 126 5.77 -7.02 -3.43
N GLY A 127 6.06 -6.67 -2.19
CA GLY A 127 6.83 -7.48 -1.25
C GLY A 127 7.67 -6.62 -0.34
N GLY A 128 7.39 -5.32 -0.36
CA GLY A 128 8.09 -4.34 0.47
C GLY A 128 7.73 -4.41 1.95
N PRO A 129 8.31 -3.52 2.78
CA PRO A 129 7.98 -3.53 4.22
C PRO A 129 6.48 -3.37 4.52
N PRO A 130 5.87 -4.24 5.36
CA PRO A 130 4.42 -4.13 5.61
C PRO A 130 4.02 -3.18 6.75
N ASN A 131 4.35 -1.87 6.60
CA ASN A 131 4.06 -0.81 7.58
C ASN A 131 2.64 -0.19 7.44
N ILE A 132 1.80 -0.72 6.53
CA ILE A 132 0.46 -0.25 6.18
C ILE A 132 -0.62 -0.43 7.30
N CYS A 133 -0.41 0.13 8.51
CA CYS A 133 -1.41 0.05 9.59
C CYS A 133 -2.26 1.31 9.64
N LEU A 134 -3.60 1.14 9.62
CA LEU A 134 -4.60 2.22 9.58
C LEU A 134 -5.00 2.84 10.92
N ASP A 135 -4.73 2.16 12.04
CA ASP A 135 -5.11 2.59 13.40
C ASP A 135 -4.78 4.06 13.75
N ARG A 136 -3.56 4.55 13.39
CA ARG A 136 -3.16 5.93 13.67
C ARG A 136 -3.93 6.94 12.81
N LEU A 137 -4.09 6.66 11.49
CA LEU A 137 -4.84 7.51 10.56
C LEU A 137 -6.33 7.51 10.88
N GLU A 138 -6.89 6.38 11.36
CA GLU A 138 -8.29 6.26 11.75
C GLU A 138 -8.54 7.16 12.96
N ASN A 139 -7.60 7.15 13.94
CA ASN A 139 -7.68 7.97 15.13
C ASN A 139 -7.61 9.45 14.82
N TRP A 140 -6.76 9.85 13.86
CA TRP A 140 -6.60 11.25 13.45
C TRP A 140 -7.80 11.75 12.65
N ILE A 141 -8.30 10.94 11.70
CA ILE A 141 -9.45 11.26 10.85
C ILE A 141 -10.73 11.37 11.69
N THR A 142 -10.97 10.41 12.63
CA THR A 142 -12.12 10.40 13.55
C THR A 142 -12.12 11.67 14.39
N SER A 143 -10.96 12.02 14.98
CA SER A 143 -10.78 13.21 15.81
C SER A 143 -11.16 14.48 15.05
N LEU A 144 -10.68 14.61 13.79
CA LEU A 144 -10.99 15.73 12.91
C LEU A 144 -12.48 15.73 12.52
N ALA A 145 -13.07 14.54 12.30
CA ALA A 145 -14.48 14.38 11.93
C ALA A 145 -15.42 14.76 13.06
N GLU A 146 -15.08 14.42 14.32
CA GLU A 146 -15.87 14.73 15.52
C GLU A 146 -15.84 16.23 15.82
N SER A 147 -14.66 16.87 15.61
CA SER A 147 -14.45 18.30 15.80
C SER A 147 -15.25 19.10 14.75
N GLN A 148 -15.26 18.62 13.48
CA GLN A 148 -15.98 19.23 12.37
C GLN A 148 -17.50 19.12 12.56
N LEU A 149 -17.97 18.02 13.20
CA LEU A 149 -19.38 17.78 13.48
C LEU A 149 -19.92 18.78 14.50
N GLN A 150 -19.13 19.08 15.54
CA GLN A 150 -19.48 20.07 16.58
C GLN A 150 -19.51 21.47 15.98
N THR A 151 -18.60 21.74 15.02
CA THR A 151 -18.47 23.02 14.30
C THR A 151 -19.69 23.23 13.39
N ARG A 152 -20.12 22.16 12.69
CA ARG A 152 -21.29 22.16 11.80
C ARG A 152 -22.55 22.44 12.62
N GLN A 153 -22.60 21.90 13.87
CA GLN A 153 -23.70 22.08 14.83
C GLN A 153 -23.72 23.51 15.39
N GLN A 154 -22.53 24.13 15.54
CA GLN A 154 -22.37 25.50 16.01
C GLN A 154 -22.86 26.50 14.97
N ILE A 155 -22.59 26.20 13.68
CA ILE A 155 -23.02 27.02 12.54
C ILE A 155 -24.55 26.89 12.36
N LYS A 156 -25.12 25.71 12.70
CA LYS A 156 -26.56 25.45 12.68
C LYS A 156 -27.24 26.27 13.78
N LYS A 157 -26.58 26.36 14.97
CA LYS A 157 -27.07 27.14 16.11
C LYS A 157 -27.12 28.62 15.81
N LEU A 158 -26.11 29.15 15.08
CA LEU A 158 -26.06 30.56 14.67
C LEU A 158 -27.25 30.91 13.77
N GLU A 159 -27.67 29.96 12.90
CA GLU A 159 -28.84 30.11 12.01
C GLU A 159 -30.11 30.20 12.86
N GLU A 160 -30.26 29.28 13.83
CA GLU A 160 -31.37 29.19 14.78
C GLU A 160 -31.50 30.49 15.57
N LEU A 161 -30.37 30.99 16.12
CA LEU A 161 -30.29 32.22 16.92
C LEU A 161 -30.65 33.49 16.11
N GLN A 162 -30.18 33.58 14.85
CA GLN A 162 -30.42 34.69 13.93
C GLN A 162 -31.90 34.83 13.58
N GLN A 163 -32.58 33.69 13.32
CA GLN A 163 -34.01 33.64 13.00
C GLN A 163 -34.85 34.33 14.09
N LYS A 164 -34.52 34.07 15.37
CA LYS A 164 -35.19 34.66 16.53
C LYS A 164 -34.84 36.14 16.72
N VAL A 165 -33.53 36.46 16.72
CA VAL A 165 -33.04 37.83 16.93
C VAL A 165 -32.02 38.20 15.85
N SER A 166 -32.31 39.26 15.09
CA SER A 166 -31.45 39.80 14.04
C SER A 166 -31.59 41.34 13.99
N TYR A 167 -30.72 42.01 13.22
CA TYR A 167 -30.64 43.47 13.08
C TYR A 167 -29.80 43.83 11.85
N LYS A 168 -29.84 45.11 11.40
CA LYS A 168 -29.05 45.58 10.26
C LYS A 168 -27.56 45.47 10.58
N GLY A 169 -26.84 44.75 9.71
CA GLY A 169 -25.40 44.51 9.85
C GLY A 169 -25.05 43.39 10.80
N ASP A 170 -25.93 42.38 10.90
CA ASP A 170 -25.74 41.20 11.75
C ASP A 170 -24.61 40.34 11.20
N PRO A 171 -23.55 40.05 12.01
CA PRO A 171 -22.45 39.21 11.51
C PRO A 171 -22.84 37.79 11.08
N ILE A 172 -23.97 37.24 11.60
CA ILE A 172 -24.47 35.92 11.22
C ILE A 172 -25.02 35.96 9.79
N VAL A 173 -25.86 36.97 9.47
CA VAL A 173 -26.48 37.18 8.15
C VAL A 173 -25.42 37.30 7.03
N GLN A 174 -24.30 38.00 7.31
CA GLN A 174 -23.26 38.21 6.31
C GLN A 174 -22.18 37.12 6.23
N HIS A 175 -21.83 36.46 7.35
CA HIS A 175 -20.74 35.47 7.34
C HIS A 175 -21.14 33.99 7.48
N ARG A 176 -22.34 33.66 8.03
CA ARG A 176 -22.78 32.27 8.19
C ARG A 176 -22.82 31.49 6.85
N PRO A 177 -23.35 32.04 5.71
CA PRO A 177 -23.34 31.26 4.46
C PRO A 177 -21.96 30.75 4.04
N MET A 178 -20.90 31.57 4.26
CA MET A 178 -19.51 31.20 3.95
C MET A 178 -18.99 30.15 4.96
N LEU A 179 -19.29 30.33 6.27
CA LEU A 179 -18.88 29.40 7.32
C LEU A 179 -19.50 28.02 7.08
N GLU A 180 -20.79 27.99 6.66
CA GLU A 180 -21.52 26.76 6.37
C GLU A 180 -20.92 26.04 5.16
N GLU A 181 -20.67 26.78 4.06
CA GLU A 181 -20.05 26.25 2.83
C GLU A 181 -18.70 25.62 3.10
N ARG A 182 -17.89 26.28 3.97
CA ARG A 182 -16.55 25.85 4.33
C ARG A 182 -16.51 24.54 5.14
N ILE A 183 -17.34 24.42 6.20
CA ILE A 183 -17.41 23.21 7.05
C ILE A 183 -17.97 21.99 6.28
N VAL A 184 -19.00 22.22 5.42
CA VAL A 184 -19.64 21.20 4.59
C VAL A 184 -18.63 20.63 3.58
N GLU A 185 -17.86 21.53 2.94
CA GLU A 185 -16.80 21.16 1.99
C GLU A 185 -15.73 20.33 2.70
N LEU A 186 -15.30 20.76 3.91
CA LEU A 186 -14.33 20.06 4.75
C LEU A 186 -14.78 18.64 5.09
N PHE A 187 -16.00 18.51 5.68
CA PHE A 187 -16.61 17.25 6.10
C PHE A 187 -16.84 16.25 4.95
N ARG A 188 -17.29 16.74 3.78
CA ARG A 188 -17.52 15.89 2.60
C ARG A 188 -16.18 15.29 2.14
N ASN A 189 -15.17 16.15 1.90
CA ASN A 189 -13.82 15.77 1.46
C ASN A 189 -13.12 14.82 2.44
N LEU A 190 -13.32 15.00 3.75
CA LEU A 190 -12.73 14.13 4.77
C LEU A 190 -13.40 12.76 4.73
N MET A 191 -14.75 12.72 4.57
CA MET A 191 -15.53 11.49 4.45
C MET A 191 -15.13 10.70 3.21
N LYS A 192 -14.95 11.42 2.07
CA LYS A 192 -14.54 10.82 0.78
C LYS A 192 -13.14 10.23 0.86
N SER A 193 -12.22 10.94 1.54
CA SER A 193 -10.82 10.51 1.74
C SER A 193 -10.70 9.30 2.67
N ALA A 194 -11.59 9.22 3.70
CA ALA A 194 -11.61 8.15 4.69
C ALA A 194 -12.06 6.80 4.12
N PHE A 195 -12.73 6.79 2.95
CA PHE A 195 -13.19 5.55 2.31
C PHE A 195 -12.03 4.96 1.51
N VAL A 196 -11.34 3.97 2.10
CA VAL A 196 -10.16 3.33 1.51
C VAL A 196 -10.28 1.82 1.35
N VAL A 197 -9.44 1.25 0.46
CA VAL A 197 -9.32 -0.18 0.22
C VAL A 197 -8.22 -0.64 1.19
N GLU A 198 -8.63 -1.30 2.28
CA GLU A 198 -7.75 -1.81 3.34
C GLU A 198 -6.95 -3.02 2.80
N ARG A 199 -7.62 -3.93 2.10
CA ARG A 199 -7.00 -5.12 1.52
C ARG A 199 -7.36 -5.19 0.03
N GLN A 200 -6.34 -5.03 -0.83
CA GLN A 200 -6.45 -5.04 -2.29
C GLN A 200 -6.95 -6.38 -2.86
N PRO A 201 -7.69 -6.37 -4.00
CA PRO A 201 -8.18 -7.63 -4.60
C PRO A 201 -7.08 -8.65 -4.79
N CYS A 202 -7.30 -9.84 -4.23
CA CYS A 202 -6.32 -10.92 -4.24
C CYS A 202 -7.03 -12.28 -4.21
N MET A 203 -6.39 -13.30 -4.80
CA MET A 203 -6.92 -14.66 -4.80
C MET A 203 -6.36 -15.34 -3.54
N PRO A 204 -7.22 -15.93 -2.65
CA PRO A 204 -6.69 -16.55 -1.40
C PRO A 204 -5.59 -17.59 -1.59
N MET A 205 -5.57 -18.31 -2.72
CA MET A 205 -4.56 -19.31 -3.03
C MET A 205 -3.22 -18.72 -3.49
N HIS A 206 -3.19 -17.39 -3.75
CA HIS A 206 -2.00 -16.66 -4.18
C HIS A 206 -1.86 -15.38 -3.31
N PRO A 207 -1.61 -15.51 -1.97
CA PRO A 207 -1.55 -14.30 -1.12
C PRO A 207 -0.36 -13.39 -1.36
N ASP A 208 0.75 -13.95 -1.85
CA ASP A 208 1.98 -13.21 -2.15
C ASP A 208 1.93 -12.52 -3.53
N ARG A 209 0.80 -12.69 -4.26
CA ARG A 209 0.60 -12.11 -5.59
C ARG A 209 -0.76 -11.37 -5.72
N PRO A 210 -0.98 -10.24 -5.00
CA PRO A 210 -2.27 -9.53 -5.16
C PRO A 210 -2.39 -8.79 -6.50
N LEU A 211 -3.59 -8.24 -6.77
CA LEU A 211 -3.94 -7.46 -7.98
C LEU A 211 -3.91 -8.28 -9.29
N VAL A 212 -3.74 -9.62 -9.18
CA VAL A 212 -3.79 -10.54 -10.33
C VAL A 212 -4.97 -11.48 -10.06
N ILE A 213 -6.05 -11.35 -10.86
CA ILE A 213 -7.27 -12.14 -10.68
C ILE A 213 -7.58 -12.97 -11.92
N LYS A 214 -7.73 -14.29 -11.74
CA LYS A 214 -8.09 -15.23 -12.80
C LYS A 214 -9.61 -15.34 -12.83
N THR A 215 -10.21 -15.35 -14.03
CA THR A 215 -11.66 -15.49 -14.23
C THR A 215 -12.14 -16.86 -13.72
N GLY A 216 -13.28 -16.86 -13.02
CA GLY A 216 -13.88 -18.06 -12.45
C GLY A 216 -13.38 -18.46 -11.08
N VAL A 217 -12.32 -17.77 -10.60
CA VAL A 217 -11.69 -18.02 -9.30
C VAL A 217 -12.26 -17.05 -8.24
N GLN A 218 -12.67 -17.61 -7.08
CA GLN A 218 -13.19 -16.86 -5.94
C GLN A 218 -12.09 -15.94 -5.41
N PHE A 219 -12.36 -14.64 -5.32
CA PHE A 219 -11.38 -13.69 -4.81
C PHE A 219 -11.98 -12.83 -3.69
N THR A 220 -11.09 -12.32 -2.81
CA THR A 220 -11.46 -11.49 -1.66
C THR A 220 -10.87 -10.08 -1.77
N THR A 221 -11.51 -9.13 -1.07
CA THR A 221 -11.15 -7.71 -0.95
C THR A 221 -11.82 -7.13 0.31
N LYS A 222 -11.28 -6.01 0.85
CA LYS A 222 -11.82 -5.38 2.05
C LYS A 222 -11.73 -3.85 1.96
N VAL A 223 -12.81 -3.16 2.37
CA VAL A 223 -12.88 -1.70 2.41
C VAL A 223 -13.11 -1.20 3.82
N ARG A 224 -12.61 0.01 4.13
CA ARG A 224 -12.71 0.59 5.46
C ARG A 224 -13.03 2.08 5.41
N LEU A 225 -13.90 2.53 6.32
CA LEU A 225 -14.23 3.95 6.48
C LEU A 225 -13.52 4.39 7.75
N LEU A 226 -12.51 5.26 7.59
CA LEU A 226 -11.64 5.73 8.66
C LEU A 226 -12.27 6.78 9.60
N VAL A 227 -13.56 7.10 9.39
CA VAL A 227 -14.33 8.00 10.26
C VAL A 227 -15.10 7.02 11.18
N LYS A 228 -14.53 6.75 12.37
CA LYS A 228 -15.10 5.80 13.35
C LYS A 228 -16.35 6.36 14.02
N PHE A 229 -17.47 6.37 13.28
CA PHE A 229 -18.76 6.85 13.76
C PHE A 229 -19.71 5.68 14.04
N PRO A 230 -20.02 5.37 15.32
CA PRO A 230 -20.93 4.25 15.62
C PRO A 230 -22.35 4.41 15.03
N GLU A 231 -22.76 5.66 14.70
CA GLU A 231 -24.06 5.98 14.09
C GLU A 231 -24.21 5.25 12.75
N LEU A 232 -23.08 5.11 12.02
CA LEU A 232 -23.02 4.50 10.70
C LEU A 232 -22.99 2.96 10.70
N ASN A 233 -22.97 2.31 11.89
CA ASN A 233 -22.98 0.84 11.96
C ASN A 233 -24.26 0.28 11.34
N TYR A 234 -24.10 -0.65 10.36
CA TYR A 234 -25.13 -1.33 9.58
C TYR A 234 -25.96 -0.40 8.68
N GLN A 235 -25.45 0.82 8.42
CA GLN A 235 -26.14 1.82 7.61
C GLN A 235 -25.60 1.99 6.19
N LEU A 236 -24.32 1.64 5.97
CA LEU A 236 -23.70 1.79 4.66
C LEU A 236 -23.63 0.52 3.86
N LYS A 237 -24.30 0.49 2.68
CA LYS A 237 -24.32 -0.64 1.76
C LYS A 237 -23.26 -0.39 0.68
N ILE A 238 -22.18 -1.17 0.72
CA ILE A 238 -21.05 -1.05 -0.21
C ILE A 238 -21.31 -1.90 -1.47
N LYS A 239 -21.40 -1.24 -2.64
CA LYS A 239 -21.62 -1.91 -3.92
C LYS A 239 -20.27 -2.04 -4.64
N VAL A 240 -19.91 -3.28 -5.02
CA VAL A 240 -18.65 -3.51 -5.74
C VAL A 240 -18.92 -3.88 -7.22
N CYS A 241 -18.11 -3.34 -8.13
CA CYS A 241 -18.18 -3.61 -9.56
C CYS A 241 -16.83 -3.47 -10.23
N ILE A 242 -16.71 -3.97 -11.47
CA ILE A 242 -15.52 -3.88 -12.31
C ILE A 242 -15.91 -3.20 -13.64
N ASP A 243 -14.97 -2.45 -14.23
CA ASP A 243 -15.11 -1.75 -15.50
C ASP A 243 -16.35 -0.83 -15.53
N LYS A 244 -16.39 0.15 -14.61
CA LYS A 244 -17.47 1.11 -14.48
C LYS A 244 -17.35 2.13 -15.64
N ASP A 245 -16.53 3.20 -15.48
CA ASP A 245 -16.26 4.29 -16.43
C ASP A 245 -15.10 5.14 -15.92
N ARG A 253 -9.81 1.69 -25.53
CA ARG A 253 -10.52 1.30 -26.75
C ARG A 253 -10.21 -0.15 -27.11
N GLY A 254 -11.28 -0.91 -27.40
CA GLY A 254 -11.20 -2.33 -27.75
C GLY A 254 -10.79 -3.24 -26.60
N SER A 255 -10.80 -2.71 -25.36
CA SER A 255 -10.42 -3.42 -24.13
C SER A 255 -11.53 -4.37 -23.67
N ARG A 256 -11.12 -5.50 -23.05
CA ARG A 256 -12.01 -6.53 -22.53
C ARG A 256 -12.86 -6.00 -21.38
N LYS A 257 -14.18 -6.27 -21.41
CA LYS A 257 -15.13 -5.85 -20.37
C LYS A 257 -15.51 -7.06 -19.52
N PHE A 258 -15.55 -6.88 -18.18
CA PHE A 258 -15.87 -7.93 -17.23
C PHE A 258 -16.99 -7.56 -16.26
N ASN A 259 -17.55 -8.56 -15.56
CA ASN A 259 -18.60 -8.41 -14.56
C ASN A 259 -18.21 -9.13 -13.26
N ILE A 260 -18.53 -8.53 -12.11
CA ILE A 260 -18.30 -9.14 -10.80
C ILE A 260 -19.54 -9.97 -10.45
N LEU A 261 -19.35 -11.28 -10.25
CA LEU A 261 -20.43 -12.19 -9.90
C LEU A 261 -20.28 -12.68 -8.46
N GLY A 262 -21.41 -13.00 -7.84
CA GLY A 262 -21.49 -13.45 -6.45
C GLY A 262 -22.17 -12.41 -5.58
N THR A 263 -21.68 -12.24 -4.35
CA THR A 263 -22.21 -11.25 -3.41
C THR A 263 -21.44 -9.93 -3.61
N ASN A 264 -21.96 -9.05 -4.49
CA ASN A 264 -21.35 -7.76 -4.82
C ASN A 264 -21.88 -6.58 -3.98
N THR A 265 -22.65 -6.88 -2.93
CA THR A 265 -23.18 -5.89 -1.99
C THR A 265 -22.91 -6.36 -0.57
N LYS A 266 -22.28 -5.50 0.24
CA LYS A 266 -21.95 -5.82 1.63
C LYS A 266 -22.24 -4.63 2.53
N VAL A 267 -22.94 -4.89 3.64
CA VAL A 267 -23.26 -3.86 4.62
C VAL A 267 -22.07 -3.70 5.57
N MET A 268 -21.54 -2.47 5.64
CA MET A 268 -20.39 -2.09 6.46
C MET A 268 -20.79 -2.16 7.94
N ASN A 269 -19.95 -2.84 8.75
CA ASN A 269 -20.20 -3.01 10.18
C ASN A 269 -18.93 -2.94 11.05
N MET A 270 -19.11 -2.62 12.33
CA MET A 270 -18.05 -2.54 13.33
C MET A 270 -17.85 -3.93 13.95
N GLU A 271 -16.61 -4.42 13.92
CA GLU A 271 -16.26 -5.75 14.42
C GLU A 271 -15.31 -5.67 15.61
N GLU A 272 -15.31 -6.70 16.46
CA GLU A 272 -14.38 -6.82 17.59
C GLU A 272 -12.99 -7.17 17.01
N SER A 273 -12.99 -7.95 15.90
CA SER A 273 -11.81 -8.38 15.13
C SER A 273 -11.09 -7.20 14.47
N ASN A 274 -11.84 -6.14 14.12
CA ASN A 274 -11.35 -4.89 13.52
C ASN A 274 -11.00 -3.86 14.59
N ASN A 275 -11.42 -4.13 15.86
CA ASN A 275 -11.27 -3.31 17.07
C ASN A 275 -12.20 -2.07 17.01
N GLY A 276 -13.42 -2.31 16.56
CA GLY A 276 -14.49 -1.32 16.44
C GLY A 276 -14.50 -0.52 15.15
N SER A 277 -13.67 -0.93 14.16
CA SER A 277 -13.54 -0.23 12.88
C SER A 277 -14.65 -0.56 11.89
N LEU A 278 -15.15 0.46 11.17
CA LEU A 278 -16.18 0.33 10.13
C LEU A 278 -15.53 -0.25 8.89
N SER A 279 -15.88 -1.50 8.56
CA SER A 279 -15.31 -2.17 7.39
C SER A 279 -16.32 -3.09 6.70
N ALA A 280 -16.01 -3.47 5.44
CA ALA A 280 -16.82 -4.38 4.64
C ALA A 280 -15.89 -5.32 3.87
N GLU A 281 -15.97 -6.62 4.18
CA GLU A 281 -15.14 -7.64 3.54
C GLU A 281 -15.97 -8.44 2.54
N PHE A 282 -15.50 -8.46 1.28
CA PHE A 282 -16.13 -9.18 0.17
C PHE A 282 -15.31 -10.45 -0.05
N LYS A 283 -15.89 -11.62 0.23
CA LYS A 283 -15.19 -12.89 0.09
C LYS A 283 -15.77 -13.76 -1.04
N HIS A 284 -16.95 -13.39 -1.56
CA HIS A 284 -17.65 -14.16 -2.57
C HIS A 284 -17.76 -13.42 -3.88
N LEU A 285 -16.59 -13.12 -4.47
CA LEU A 285 -16.47 -12.42 -5.76
C LEU A 285 -15.78 -13.27 -6.81
N THR A 286 -16.15 -13.07 -8.09
CA THR A 286 -15.58 -13.74 -9.25
C THR A 286 -15.74 -12.90 -10.50
N LEU A 287 -14.82 -13.03 -11.45
CA LEU A 287 -14.89 -12.26 -12.70
C LEU A 287 -15.31 -13.15 -13.87
N ARG A 288 -16.18 -12.60 -14.73
CA ARG A 288 -16.66 -13.25 -15.94
C ARG A 288 -16.76 -12.19 -17.02
N GLU A 289 -16.28 -12.51 -18.24
CA GLU A 289 -16.30 -11.61 -19.38
C GLU A 289 -17.74 -11.30 -19.82
N GLN A 290 -18.03 -10.01 -20.06
CA GLN A 290 -19.35 -9.52 -20.47
C GLN A 290 -19.74 -10.05 -21.87
N ARG A 291 -21.06 -10.20 -22.13
CA ARG A 291 -21.60 -10.71 -23.40
C ARG A 291 -22.27 -9.62 -24.26
N LEU A 304 -4.87 -4.57 -27.12
CA LEU A 304 -3.66 -4.69 -26.31
C LEU A 304 -3.51 -6.10 -25.69
N ILE A 305 -2.28 -6.45 -25.25
CA ILE A 305 -1.94 -7.75 -24.62
C ILE A 305 -2.70 -7.91 -23.28
N VAL A 306 -3.21 -9.13 -23.01
CA VAL A 306 -3.99 -9.50 -21.82
C VAL A 306 -3.24 -9.22 -20.51
N THR A 307 -1.94 -9.61 -20.41
CA THR A 307 -1.13 -9.42 -19.19
C THR A 307 -0.75 -7.94 -18.93
N GLU A 308 -0.96 -7.04 -19.91
CA GLU A 308 -0.67 -5.60 -19.81
C GLU A 308 -1.93 -4.73 -19.68
N GLU A 309 -3.13 -5.33 -19.88
CA GLU A 309 -4.42 -4.66 -19.77
C GLU A 309 -4.78 -4.52 -18.29
N LEU A 310 -5.15 -3.30 -17.89
CA LEU A 310 -5.48 -3.00 -16.49
C LEU A 310 -6.94 -2.65 -16.30
N HIS A 311 -7.50 -3.09 -15.15
CA HIS A 311 -8.90 -2.88 -14.77
C HIS A 311 -9.03 -2.33 -13.37
N LEU A 312 -10.10 -1.59 -13.10
CA LEU A 312 -10.32 -1.02 -11.77
C LEU A 312 -11.57 -1.63 -11.14
N ILE A 313 -11.42 -2.13 -9.90
CA ILE A 313 -12.53 -2.67 -9.11
C ILE A 313 -12.99 -1.50 -8.22
N THR A 314 -14.22 -1.02 -8.47
CA THR A 314 -14.81 0.15 -7.81
C THR A 314 -15.78 -0.22 -6.68
N PHE A 315 -15.77 0.57 -5.59
CA PHE A 315 -16.64 0.46 -4.42
C PHE A 315 -17.42 1.76 -4.28
N GLU A 316 -18.74 1.65 -4.06
CA GLU A 316 -19.63 2.82 -3.95
C GLU A 316 -20.62 2.67 -2.79
N THR A 317 -20.96 3.82 -2.16
CA THR A 317 -21.95 3.96 -1.08
C THR A 317 -22.41 5.41 -0.96
N GLU A 318 -23.47 5.63 -0.18
CA GLU A 318 -24.05 6.95 0.09
C GLU A 318 -24.19 7.09 1.60
N VAL A 319 -23.67 8.19 2.15
CA VAL A 319 -23.74 8.48 3.59
C VAL A 319 -24.77 9.58 3.84
N TYR A 320 -25.70 9.32 4.76
CA TYR A 320 -26.73 10.28 5.15
C TYR A 320 -26.48 10.65 6.61
N HIS A 321 -25.73 11.74 6.83
CA HIS A 321 -25.38 12.18 8.18
C HIS A 321 -25.83 13.61 8.46
N GLN A 322 -26.80 13.72 9.39
CA GLN A 322 -27.41 14.95 9.91
C GLN A 322 -27.69 16.02 8.82
N GLY A 323 -28.46 15.61 7.81
CA GLY A 323 -28.88 16.48 6.71
C GLY A 323 -28.00 16.50 5.48
N LEU A 324 -26.85 15.78 5.52
CA LEU A 324 -25.90 15.73 4.41
C LEU A 324 -25.89 14.40 3.66
N LYS A 325 -25.87 14.45 2.32
CA LYS A 325 -25.76 13.27 1.47
C LYS A 325 -24.36 13.28 0.84
N ILE A 326 -23.46 12.41 1.35
CA ILE A 326 -22.08 12.30 0.86
C ILE A 326 -21.94 11.03 0.03
N ASP A 327 -21.63 11.18 -1.27
CA ASP A 327 -21.44 10.07 -2.18
C ASP A 327 -20.00 9.57 -2.15
N LEU A 328 -19.79 8.41 -1.51
CA LEU A 328 -18.46 7.81 -1.38
C LEU A 328 -18.14 6.88 -2.55
N GLU A 329 -16.94 7.05 -3.11
CA GLU A 329 -16.46 6.23 -4.20
C GLU A 329 -14.96 6.08 -4.12
N THR A 330 -14.50 4.83 -4.08
CA THR A 330 -13.09 4.48 -4.07
C THR A 330 -12.87 3.31 -5.02
N HIS A 331 -11.63 3.12 -5.46
CA HIS A 331 -11.29 2.02 -6.36
C HIS A 331 -9.98 1.37 -5.96
N SER A 332 -9.78 0.13 -6.42
CA SER A 332 -8.58 -0.65 -6.16
C SER A 332 -7.43 -0.15 -7.03
N LEU A 333 -6.22 -0.68 -6.77
CA LEU A 333 -5.06 -0.40 -7.62
C LEU A 333 -5.29 -1.21 -8.91
N PRO A 334 -4.84 -0.74 -10.11
CA PRO A 334 -5.11 -1.50 -11.34
C PRO A 334 -4.83 -3.00 -11.26
N VAL A 335 -5.81 -3.80 -11.73
CA VAL A 335 -5.78 -5.25 -11.70
C VAL A 335 -5.61 -5.85 -13.10
N VAL A 336 -4.78 -6.92 -13.19
CA VAL A 336 -4.57 -7.67 -14.42
C VAL A 336 -5.51 -8.86 -14.34
N VAL A 337 -6.39 -9.01 -15.34
CA VAL A 337 -7.34 -10.12 -15.38
C VAL A 337 -6.78 -11.22 -16.30
N ILE A 338 -6.55 -12.42 -15.75
CA ILE A 338 -6.01 -13.54 -16.50
C ILE A 338 -7.07 -14.64 -16.71
N SER A 339 -6.83 -15.52 -17.70
CA SER A 339 -7.72 -16.62 -18.07
C SER A 339 -7.14 -17.98 -17.65
N ASN A 340 -5.81 -18.12 -17.72
CA ASN A 340 -5.07 -19.33 -17.34
C ASN A 340 -4.00 -18.96 -16.33
N ILE A 341 -3.65 -19.89 -15.42
CA ILE A 341 -2.62 -19.65 -14.39
C ILE A 341 -1.19 -19.56 -14.99
N CYS A 342 -1.01 -19.95 -16.27
CA CYS A 342 0.28 -19.85 -16.96
C CYS A 342 0.63 -18.39 -17.22
N GLN A 343 -0.40 -17.51 -17.26
CA GLN A 343 -0.32 -16.08 -17.49
C GLN A 343 0.11 -15.31 -16.23
N MET A 344 0.04 -15.96 -15.04
CA MET A 344 0.42 -15.44 -13.72
C MET A 344 1.81 -14.77 -13.71
N PRO A 345 2.93 -15.42 -14.15
CA PRO A 345 4.25 -14.74 -14.13
C PRO A 345 4.31 -13.38 -14.85
N ASN A 346 3.87 -13.30 -16.12
CA ASN A 346 3.86 -12.06 -16.90
C ASN A 346 2.93 -10.99 -16.31
N ALA A 347 1.81 -11.44 -15.68
CA ALA A 347 0.82 -10.58 -15.03
C ALA A 347 1.42 -9.93 -13.78
N TRP A 348 2.16 -10.72 -12.96
CA TRP A 348 2.81 -10.23 -11.74
C TRP A 348 3.89 -9.19 -12.04
N ALA A 349 4.60 -9.35 -13.18
CA ALA A 349 5.62 -8.42 -13.66
C ALA A 349 5.00 -7.05 -13.99
N SER A 350 3.76 -7.05 -14.54
CA SER A 350 3.01 -5.83 -14.87
C SER A 350 2.61 -5.08 -13.61
N ILE A 351 2.32 -5.82 -12.53
CA ILE A 351 1.98 -5.26 -11.22
C ILE A 351 3.26 -4.70 -10.59
N LEU A 352 4.40 -5.44 -10.70
CA LEU A 352 5.70 -5.02 -10.19
C LEU A 352 6.14 -3.70 -10.82
N TRP A 353 6.01 -3.59 -12.16
CA TRP A 353 6.37 -2.39 -12.92
C TRP A 353 5.51 -1.18 -12.52
N TYR A 354 4.17 -1.36 -12.47
CA TYR A 354 3.21 -0.32 -12.11
C TYR A 354 3.44 0.26 -10.72
N ASN A 355 3.46 -0.60 -9.70
CA ASN A 355 3.59 -0.18 -8.32
C ASN A 355 5.00 0.32 -7.95
N MET A 356 6.04 -0.06 -8.71
CA MET A 356 7.41 0.40 -8.48
C MET A 356 7.61 1.81 -9.05
N LEU A 357 7.04 2.08 -10.24
CA LEU A 357 7.26 3.33 -10.97
C LEU A 357 6.22 4.43 -10.78
N THR A 358 4.93 4.12 -10.47
CA THR A 358 3.95 5.19 -10.30
C THR A 358 3.23 5.15 -8.95
N ASN A 359 2.77 6.33 -8.49
CA ASN A 359 2.00 6.53 -7.27
C ASN A 359 0.52 6.80 -7.63
N ASN A 360 0.25 6.98 -8.94
CA ASN A 360 -1.09 7.19 -9.53
C ASN A 360 -1.90 5.90 -9.33
N PRO A 361 -3.10 5.96 -8.69
CA PRO A 361 -3.86 4.72 -8.46
C PRO A 361 -4.86 4.30 -9.53
N LYS A 362 -4.92 5.02 -10.68
CA LYS A 362 -5.89 4.67 -11.72
C LYS A 362 -5.37 4.84 -13.17
N ASN A 363 -4.07 4.67 -13.41
CA ASN A 363 -3.52 4.77 -14.76
C ASN A 363 -3.67 3.43 -15.49
N VAL A 364 -4.87 3.20 -16.08
CA VAL A 364 -5.19 1.97 -16.81
C VAL A 364 -4.41 1.85 -18.14
N ASN A 365 -4.03 3.00 -18.75
CA ASN A 365 -3.27 3.05 -20.01
C ASN A 365 -1.74 3.14 -19.79
N PHE A 366 -1.26 2.65 -18.63
CA PHE A 366 0.15 2.64 -18.20
C PHE A 366 1.09 1.96 -19.20
N PHE A 367 0.66 0.83 -19.81
CA PHE A 367 1.49 0.03 -20.73
C PHE A 367 1.38 0.43 -22.22
N THR A 368 0.66 1.53 -22.54
CA THR A 368 0.59 2.04 -23.92
C THR A 368 1.98 2.60 -24.26
N LYS A 369 2.61 3.25 -23.26
CA LYS A 369 3.97 3.81 -23.28
C LYS A 369 4.54 3.65 -21.85
N PRO A 370 5.05 2.44 -21.48
CA PRO A 370 5.54 2.24 -20.10
C PRO A 370 6.80 3.02 -19.72
N PRO A 371 6.85 3.62 -18.50
CA PRO A 371 8.04 4.39 -18.10
C PRO A 371 9.28 3.53 -17.81
N ILE A 372 10.46 4.17 -17.83
CA ILE A 372 11.76 3.54 -17.59
C ILE A 372 12.08 3.58 -16.09
N GLY A 373 12.71 2.52 -15.61
CA GLY A 373 13.14 2.41 -14.22
C GLY A 373 14.64 2.46 -14.07
N THR A 374 15.12 2.88 -12.89
CA THR A 374 16.55 2.94 -12.62
C THR A 374 16.96 1.56 -12.09
N TRP A 375 18.27 1.23 -12.10
CA TRP A 375 18.69 -0.08 -11.58
C TRP A 375 18.39 -0.22 -10.09
N ASP A 376 18.64 0.84 -9.29
CA ASP A 376 18.41 0.88 -7.84
C ASP A 376 16.94 0.67 -7.46
N GLN A 377 16.01 1.06 -8.36
CA GLN A 377 14.57 0.90 -8.21
C GLN A 377 14.22 -0.59 -8.40
N VAL A 378 14.72 -1.19 -9.52
CA VAL A 378 14.53 -2.59 -9.92
C VAL A 378 15.14 -3.54 -8.86
N ALA A 379 16.41 -3.30 -8.48
CA ALA A 379 17.16 -4.08 -7.48
C ALA A 379 16.43 -4.18 -6.14
N GLU A 380 15.72 -3.10 -5.74
CA GLU A 380 14.93 -3.03 -4.51
C GLU A 380 13.75 -4.01 -4.60
N VAL A 381 13.06 -4.01 -5.76
CA VAL A 381 11.91 -4.88 -6.05
C VAL A 381 12.35 -6.35 -6.13
N LEU A 382 13.46 -6.64 -6.83
CA LEU A 382 13.99 -7.99 -6.99
C LEU A 382 14.35 -8.64 -5.65
N SER A 383 14.95 -7.86 -4.73
CA SER A 383 15.28 -8.33 -3.38
C SER A 383 13.99 -8.55 -2.57
N TRP A 384 12.94 -7.74 -2.83
CA TRP A 384 11.64 -7.86 -2.17
C TRP A 384 10.95 -9.19 -2.54
N GLN A 385 11.20 -9.68 -3.77
CA GLN A 385 10.65 -10.95 -4.28
C GLN A 385 11.12 -12.16 -3.47
N PHE A 386 12.32 -12.03 -2.88
CA PHE A 386 12.94 -13.08 -2.07
C PHE A 386 12.67 -12.92 -0.58
N SER A 387 12.72 -11.68 -0.04
CA SER A 387 12.51 -11.40 1.37
C SER A 387 11.04 -11.55 1.85
N SER A 388 10.08 -11.54 0.92
CA SER A 388 8.65 -11.69 1.24
C SER A 388 8.20 -13.15 1.24
N THR A 389 8.90 -14.00 0.47
CA THR A 389 8.63 -15.42 0.32
C THR A 389 9.54 -16.26 1.23
N THR A 390 10.76 -15.75 1.53
CA THR A 390 11.78 -16.42 2.37
C THR A 390 12.23 -15.54 3.54
N LYS A 391 13.22 -16.04 4.31
CA LYS A 391 13.81 -15.32 5.44
C LYS A 391 14.98 -14.42 4.99
N ARG A 392 15.40 -14.56 3.72
CA ARG A 392 16.54 -13.83 3.15
C ARG A 392 16.25 -13.18 1.80
N GLY A 393 16.64 -11.91 1.67
CA GLY A 393 16.52 -11.14 0.44
C GLY A 393 17.77 -11.30 -0.40
N LEU A 394 18.00 -10.39 -1.36
CA LEU A 394 19.19 -10.47 -2.20
C LEU A 394 20.35 -9.65 -1.65
N SER A 395 21.56 -10.25 -1.62
CA SER A 395 22.78 -9.59 -1.15
C SER A 395 23.37 -8.66 -2.21
N ILE A 396 24.34 -7.81 -1.82
CA ILE A 396 25.03 -6.86 -2.68
C ILE A 396 25.70 -7.56 -3.87
N GLU A 397 26.40 -8.69 -3.61
CA GLU A 397 27.07 -9.50 -4.62
C GLU A 397 26.09 -10.13 -5.61
N GLN A 398 24.93 -10.62 -5.09
CA GLN A 398 23.86 -11.23 -5.89
C GLN A 398 23.18 -10.20 -6.82
N LEU A 399 22.98 -8.97 -6.31
CA LEU A 399 22.37 -7.89 -7.06
C LEU A 399 23.31 -7.33 -8.13
N THR A 400 24.63 -7.30 -7.84
CA THR A 400 25.66 -6.83 -8.78
C THR A 400 25.72 -7.73 -10.02
N THR A 401 25.72 -9.06 -9.80
CA THR A 401 25.75 -10.06 -10.88
C THR A 401 24.45 -10.04 -11.68
N LEU A 402 23.35 -9.62 -11.03
CA LEU A 402 22.04 -9.47 -11.66
C LEU A 402 22.01 -8.20 -12.52
N ALA A 403 22.78 -7.17 -12.10
CA ALA A 403 22.93 -5.90 -12.83
C ALA A 403 23.71 -6.11 -14.12
N GLU A 404 24.81 -6.91 -14.03
CA GLU A 404 25.68 -7.25 -15.16
C GLU A 404 24.95 -8.10 -16.21
N LYS A 405 24.03 -8.98 -15.77
CA LYS A 405 23.21 -9.84 -16.62
C LYS A 405 22.29 -9.03 -17.55
N LEU A 406 21.83 -7.86 -17.08
CA LEU A 406 20.92 -6.98 -17.83
C LEU A 406 21.61 -5.80 -18.52
N LEU A 407 22.69 -5.26 -17.94
CA LEU A 407 23.37 -4.06 -18.46
C LEU A 407 24.79 -4.26 -19.00
N GLY A 408 25.38 -5.44 -18.79
CA GLY A 408 26.73 -5.74 -19.22
C GLY A 408 27.77 -5.35 -18.19
N PRO A 409 29.07 -5.37 -18.53
CA PRO A 409 30.11 -5.02 -17.54
C PRO A 409 30.09 -3.57 -17.05
N GLY A 410 30.63 -3.38 -15.85
CA GLY A 410 30.71 -2.09 -15.16
C GLY A 410 30.95 -2.25 -13.67
N VAL A 411 31.09 -1.13 -12.94
CA VAL A 411 31.33 -1.11 -11.49
C VAL A 411 30.15 -0.42 -10.77
N ASN A 412 29.79 0.79 -11.21
CA ASN A 412 28.69 1.58 -10.65
C ASN A 412 27.46 1.51 -11.56
N TYR A 413 26.38 0.89 -11.06
CA TYR A 413 25.12 0.71 -11.78
C TYR A 413 24.01 1.67 -11.33
N SER A 414 24.35 2.61 -10.43
CA SER A 414 23.41 3.61 -9.89
C SER A 414 22.86 4.60 -10.93
N GLY A 415 23.61 4.79 -12.01
CA GLY A 415 23.23 5.66 -13.12
C GLY A 415 22.65 4.92 -14.31
N CYS A 416 22.29 3.63 -14.12
CA CYS A 416 21.76 2.77 -15.17
C CYS A 416 20.24 2.73 -15.23
N GLN A 417 19.70 2.39 -16.42
CA GLN A 417 18.27 2.29 -16.71
C GLN A 417 17.84 0.92 -17.23
N ILE A 418 16.68 0.43 -16.76
CA ILE A 418 16.07 -0.83 -17.16
C ILE A 418 14.68 -0.54 -17.73
N THR A 419 14.46 -0.98 -18.99
CA THR A 419 13.19 -0.79 -19.68
C THR A 419 12.28 -2.01 -19.45
N TRP A 420 10.99 -1.87 -19.81
CA TRP A 420 9.99 -2.93 -19.70
C TRP A 420 10.37 -4.11 -20.62
N ALA A 421 10.98 -3.79 -21.79
CA ALA A 421 11.46 -4.75 -22.79
C ALA A 421 12.64 -5.58 -22.27
N LYS A 422 13.60 -4.94 -21.56
CA LYS A 422 14.76 -5.63 -20.99
C LYS A 422 14.38 -6.47 -19.78
N PHE A 423 13.28 -6.11 -19.10
CA PHE A 423 12.80 -6.80 -17.91
C PHE A 423 11.82 -7.96 -18.21
N CYS A 424 10.74 -7.69 -18.98
CA CYS A 424 9.72 -8.70 -19.19
C CYS A 424 9.23 -8.86 -20.66
N LYS A 425 8.84 -7.77 -21.34
CA LYS A 425 8.26 -7.81 -22.69
C LYS A 425 9.09 -8.57 -23.74
N GLU A 426 10.43 -8.39 -23.76
CA GLU A 426 11.30 -9.07 -24.73
C GLU A 426 12.29 -10.04 -24.09
N ASN A 427 12.66 -11.11 -24.84
CA ASN A 427 13.60 -12.16 -24.42
C ASN A 427 15.01 -11.60 -24.25
N MET A 428 15.81 -12.23 -23.36
CA MET A 428 17.19 -11.83 -23.08
C MET A 428 18.11 -12.01 -24.30
N ALA A 429 19.19 -11.19 -24.37
CA ALA A 429 20.18 -11.19 -25.45
C ALA A 429 20.85 -12.56 -25.63
N GLY A 430 20.52 -13.22 -26.75
CA GLY A 430 21.03 -14.54 -27.09
C GLY A 430 20.27 -15.69 -26.45
N LYS A 431 19.12 -15.39 -25.80
CA LYS A 431 18.27 -16.38 -25.13
C LYS A 431 16.81 -16.35 -25.65
N GLY A 432 16.10 -17.46 -25.44
CA GLY A 432 14.71 -17.63 -25.88
C GLY A 432 13.67 -17.40 -24.80
N PHE A 433 14.05 -16.67 -23.74
CA PHE A 433 13.20 -16.33 -22.60
C PHE A 433 13.59 -14.99 -21.98
N SER A 434 12.62 -14.28 -21.38
CA SER A 434 12.84 -12.98 -20.75
C SER A 434 13.53 -13.13 -19.39
N PHE A 435 14.13 -12.03 -18.90
CA PHE A 435 14.82 -11.99 -17.60
C PHE A 435 13.86 -12.38 -16.47
N TRP A 436 12.65 -11.79 -16.47
CA TRP A 436 11.64 -12.04 -15.45
C TRP A 436 11.21 -13.50 -15.38
N VAL A 437 10.91 -14.15 -16.53
CA VAL A 437 10.50 -15.56 -16.59
C VAL A 437 11.59 -16.45 -15.96
N TRP A 438 12.87 -16.18 -16.31
CA TRP A 438 14.04 -16.88 -15.78
C TRP A 438 14.13 -16.68 -14.25
N LEU A 439 13.90 -15.43 -13.77
CA LEU A 439 13.96 -15.08 -12.35
C LEU A 439 12.79 -15.63 -11.53
N ASP A 440 11.56 -15.57 -12.06
CA ASP A 440 10.32 -16.06 -11.44
C ASP A 440 10.44 -17.57 -11.17
N ASN A 441 11.07 -18.30 -12.11
CA ASN A 441 11.30 -19.74 -11.99
C ASN A 441 12.34 -20.06 -10.91
N ILE A 442 13.26 -19.11 -10.63
CA ILE A 442 14.27 -19.20 -9.57
C ILE A 442 13.58 -18.99 -8.20
N ILE A 443 12.75 -17.92 -8.09
CA ILE A 443 11.97 -17.57 -6.88
C ILE A 443 11.15 -18.82 -6.47
N ASP A 444 10.49 -19.46 -7.45
CA ASP A 444 9.69 -20.68 -7.27
C ASP A 444 10.57 -21.86 -6.85
N LEU A 445 11.78 -21.98 -7.42
CA LEU A 445 12.73 -23.05 -7.11
C LEU A 445 13.20 -22.91 -5.66
N VAL A 446 13.45 -21.67 -5.21
CA VAL A 446 13.88 -21.34 -3.85
C VAL A 446 12.75 -21.65 -2.86
N LYS A 447 11.55 -21.08 -3.10
CA LYS A 447 10.34 -21.23 -2.29
C LYS A 447 9.91 -22.71 -2.11
N LYS A 448 9.91 -23.50 -3.19
CA LYS A 448 9.43 -24.88 -3.17
C LYS A 448 10.50 -25.99 -3.03
N TYR A 449 11.73 -25.80 -3.54
CA TYR A 449 12.71 -26.90 -3.55
C TYR A 449 13.96 -26.72 -2.66
N ILE A 450 14.52 -25.50 -2.53
CA ILE A 450 15.74 -25.28 -1.73
C ILE A 450 15.62 -24.17 -0.66
N LEU A 451 14.43 -24.04 -0.02
CA LEU A 451 14.12 -23.03 1.00
C LEU A 451 15.06 -23.02 2.20
N ALA A 452 15.25 -24.19 2.86
CA ALA A 452 16.11 -24.36 4.03
C ALA A 452 17.57 -23.94 3.78
N LEU A 453 18.12 -24.27 2.61
CA LEU A 453 19.49 -23.94 2.20
C LEU A 453 19.62 -22.43 1.94
N TRP A 454 18.59 -21.82 1.31
CA TRP A 454 18.55 -20.39 1.01
C TRP A 454 18.43 -19.58 2.31
N ASN A 455 17.56 -20.03 3.24
CA ASN A 455 17.33 -19.39 4.54
C ASN A 455 18.56 -19.38 5.46
N GLU A 456 19.48 -20.35 5.29
CA GLU A 456 20.70 -20.44 6.09
C GLU A 456 21.90 -19.72 5.46
N GLY A 457 21.76 -19.31 4.19
CA GLY A 457 22.77 -18.58 3.44
C GLY A 457 23.80 -19.42 2.72
N TYR A 458 23.50 -20.72 2.51
CA TYR A 458 24.39 -21.66 1.82
C TYR A 458 24.32 -21.57 0.29
N ILE A 459 23.43 -20.69 -0.23
CA ILE A 459 23.24 -20.50 -1.67
C ILE A 459 23.89 -19.19 -2.12
N MET A 460 24.98 -19.28 -2.91
CA MET A 460 25.66 -18.11 -3.46
C MET A 460 24.75 -17.53 -4.55
N GLY A 461 23.95 -18.41 -5.16
CA GLY A 461 22.90 -18.11 -6.13
C GLY A 461 23.25 -17.43 -7.43
N PHE A 462 23.57 -16.15 -7.35
CA PHE A 462 23.88 -15.34 -8.51
C PHE A 462 25.33 -14.88 -8.45
N ILE A 463 26.16 -15.49 -9.29
CA ILE A 463 27.60 -15.23 -9.41
C ILE A 463 28.03 -15.48 -10.85
N SER A 464 28.70 -14.47 -11.46
CA SER A 464 29.17 -14.55 -12.85
C SER A 464 30.30 -15.58 -13.00
N LYS A 465 30.43 -16.17 -14.20
CA LYS A 465 31.45 -17.17 -14.54
C LYS A 465 32.87 -16.68 -14.24
N GLU A 466 33.12 -15.38 -14.46
CA GLU A 466 34.40 -14.73 -14.20
C GLU A 466 34.65 -14.54 -12.70
N ARG A 467 33.61 -14.12 -11.94
CA ARG A 467 33.71 -13.90 -10.50
C ARG A 467 33.81 -15.21 -9.70
N GLU A 468 33.06 -16.26 -10.11
CA GLU A 468 33.12 -17.58 -9.44
C GLU A 468 34.49 -18.22 -9.60
N ARG A 469 35.14 -18.02 -10.76
CA ARG A 469 36.48 -18.50 -11.06
C ARG A 469 37.51 -17.72 -10.23
N ALA A 470 37.26 -16.42 -10.03
CA ALA A 470 38.13 -15.53 -9.25
C ALA A 470 38.16 -15.87 -7.75
N ILE A 471 36.98 -15.91 -7.09
CA ILE A 471 36.89 -16.20 -5.65
C ILE A 471 37.30 -17.65 -5.29
N LEU A 472 37.16 -18.59 -6.25
CA LEU A 472 37.55 -19.99 -6.02
C LEU A 472 39.05 -20.24 -6.25
N SER A 473 39.70 -19.44 -7.15
CA SER A 473 41.12 -19.53 -7.48
C SER A 473 42.05 -19.50 -6.27
N THR A 474 41.71 -18.65 -5.27
CA THR A 474 42.48 -18.49 -4.04
C THR A 474 42.25 -19.63 -3.04
N LYS A 475 41.00 -20.11 -2.94
CA LYS A 475 40.56 -21.17 -2.01
C LYS A 475 41.21 -22.56 -2.26
N PRO A 476 41.36 -23.42 -1.21
CA PRO A 476 41.98 -24.74 -1.40
C PRO A 476 41.20 -25.72 -2.29
N PRO A 477 41.81 -26.83 -2.80
CA PRO A 477 41.03 -27.77 -3.64
C PRO A 477 39.88 -28.44 -2.87
N GLY A 478 38.76 -28.62 -3.56
CA GLY A 478 37.54 -29.20 -3.01
C GLY A 478 36.54 -28.19 -2.51
N THR A 479 36.85 -26.88 -2.63
CA THR A 479 35.94 -25.82 -2.19
C THR A 479 34.90 -25.58 -3.27
N PHE A 480 33.62 -25.51 -2.86
CA PHE A 480 32.48 -25.34 -3.77
C PHE A 480 31.46 -24.30 -3.33
N LEU A 481 30.69 -23.78 -4.31
CA LEU A 481 29.61 -22.81 -4.11
C LEU A 481 28.35 -23.28 -4.86
N LEU A 482 27.17 -22.91 -4.35
CA LEU A 482 25.89 -23.29 -4.97
C LEU A 482 25.28 -22.10 -5.70
N ARG A 483 24.96 -22.28 -6.99
CA ARG A 483 24.39 -21.22 -7.82
C ARG A 483 23.31 -21.71 -8.79
N PHE A 484 22.55 -20.76 -9.37
CA PHE A 484 21.51 -21.06 -10.34
C PHE A 484 22.02 -21.03 -11.77
N SER A 485 21.39 -21.83 -12.64
CA SER A 485 21.72 -21.95 -14.06
C SER A 485 21.21 -20.73 -14.81
N GLU A 486 22.01 -20.22 -15.76
CA GLU A 486 21.63 -19.08 -16.58
C GLU A 486 20.94 -19.49 -17.87
N SER A 487 21.26 -20.69 -18.39
CA SER A 487 20.69 -21.24 -19.64
C SER A 487 19.34 -21.93 -19.44
N SER A 488 19.02 -22.38 -18.20
CA SER A 488 17.76 -23.05 -17.87
C SER A 488 16.63 -22.05 -17.71
N LYS A 489 15.57 -22.20 -18.51
CA LYS A 489 14.38 -21.35 -18.46
C LYS A 489 13.57 -21.66 -17.19
N GLU A 490 13.18 -22.95 -17.02
CA GLU A 490 12.37 -23.48 -15.93
C GLU A 490 13.04 -23.45 -14.55
N GLY A 491 14.36 -23.27 -14.52
CA GLY A 491 15.14 -23.22 -13.29
C GLY A 491 15.96 -24.46 -13.03
N GLY A 492 17.24 -24.26 -12.77
CA GLY A 492 18.21 -25.31 -12.48
C GLY A 492 19.24 -24.88 -11.47
N VAL A 493 19.66 -25.82 -10.61
CA VAL A 493 20.67 -25.57 -9.57
C VAL A 493 21.96 -26.33 -9.84
N THR A 494 23.10 -25.67 -9.61
CA THR A 494 24.42 -26.26 -9.84
C THR A 494 25.41 -25.92 -8.72
N PHE A 495 26.54 -26.65 -8.71
CA PHE A 495 27.66 -26.43 -7.81
C PHE A 495 28.97 -26.35 -8.59
N THR A 496 29.72 -25.26 -8.37
CA THR A 496 31.01 -25.03 -9.03
C THR A 496 32.12 -25.31 -8.02
N TRP A 497 33.11 -26.16 -8.41
CA TRP A 497 34.22 -26.52 -7.52
C TRP A 497 35.60 -26.27 -8.16
N VAL A 498 36.64 -26.19 -7.31
CA VAL A 498 38.05 -25.98 -7.69
C VAL A 498 38.90 -27.18 -7.28
N GLU A 499 39.87 -27.56 -8.14
CA GLU A 499 40.82 -28.65 -7.92
C GLU A 499 42.12 -28.40 -8.71
N LYS A 500 43.18 -29.17 -8.40
CA LYS A 500 44.47 -29.03 -9.07
C LYS A 500 44.83 -30.30 -9.82
N ASP A 501 45.25 -30.16 -11.10
CA ASP A 501 45.66 -31.30 -11.93
C ASP A 501 47.11 -31.73 -11.60
N ILE A 502 47.61 -32.78 -12.28
CA ILE A 502 48.97 -33.31 -12.12
C ILE A 502 50.02 -32.20 -12.42
N SER A 503 49.71 -31.32 -13.40
CA SER A 503 50.53 -30.19 -13.83
C SER A 503 50.55 -29.06 -12.77
N GLY A 504 49.58 -29.06 -11.87
CA GLY A 504 49.45 -28.08 -10.79
C GLY A 504 48.50 -26.93 -11.09
N LYS A 505 48.00 -26.86 -12.35
CA LYS A 505 47.07 -25.83 -12.81
C LYS A 505 45.68 -26.00 -12.18
N THR A 506 45.13 -24.90 -11.64
CA THR A 506 43.82 -24.86 -10.99
C THR A 506 42.69 -24.98 -12.02
N GLN A 507 41.79 -25.95 -11.81
CA GLN A 507 40.64 -26.22 -12.68
C GLN A 507 39.31 -25.96 -11.98
N ILE A 508 38.48 -25.11 -12.59
CA ILE A 508 37.15 -24.73 -12.09
C ILE A 508 36.05 -25.30 -13.01
N GLN A 509 35.23 -26.23 -12.47
CA GLN A 509 34.14 -26.85 -13.23
C GLN A 509 32.82 -26.81 -12.48
N SER A 510 31.70 -26.81 -13.23
CA SER A 510 30.32 -26.82 -12.73
C SER A 510 29.68 -28.14 -13.17
N VAL A 511 28.66 -28.60 -12.43
CA VAL A 511 27.91 -29.82 -12.77
C VAL A 511 26.70 -29.42 -13.63
N GLU A 512 26.17 -30.35 -14.47
CA GLU A 512 25.00 -30.06 -15.29
C GLU A 512 23.82 -29.73 -14.36
N PRO A 513 23.14 -28.58 -14.60
CA PRO A 513 22.08 -28.15 -13.67
C PRO A 513 21.02 -29.18 -13.33
N TYR A 514 20.74 -29.33 -12.03
CA TYR A 514 19.73 -30.24 -11.53
C TYR A 514 18.38 -29.57 -11.68
N THR A 515 17.45 -30.27 -12.34
CA THR A 515 16.11 -29.77 -12.64
C THR A 515 15.15 -29.93 -11.43
N LYS A 516 13.98 -29.28 -11.48
CA LYS A 516 12.94 -29.33 -10.44
C LYS A 516 12.43 -30.75 -10.25
N GLN A 517 12.33 -31.54 -11.36
CA GLN A 517 11.90 -32.95 -11.39
C GLN A 517 12.86 -33.80 -10.55
N GLN A 518 14.18 -33.54 -10.70
CA GLN A 518 15.25 -34.22 -9.96
C GLN A 518 15.21 -33.86 -8.47
N LEU A 519 14.89 -32.57 -8.16
CA LEU A 519 14.81 -32.05 -6.79
C LEU A 519 13.60 -32.58 -6.03
N ASN A 520 12.64 -33.21 -6.75
CA ASN A 520 11.44 -33.81 -6.20
C ASN A 520 11.69 -35.25 -5.69
N ASN A 521 12.82 -35.86 -6.09
CA ASN A 521 13.26 -37.19 -5.69
C ASN A 521 14.32 -37.10 -4.59
N MET A 522 15.33 -36.25 -4.80
CA MET A 522 16.43 -35.99 -3.87
C MET A 522 16.55 -34.51 -3.58
N SER A 523 16.85 -34.15 -2.33
CA SER A 523 17.08 -32.76 -1.95
C SER A 523 18.45 -32.35 -2.49
N PHE A 524 18.68 -31.04 -2.73
CA PHE A 524 19.97 -30.56 -3.24
C PHE A 524 21.11 -30.96 -2.30
N ALA A 525 20.84 -30.97 -0.98
CA ALA A 525 21.78 -31.37 0.07
C ALA A 525 22.22 -32.83 -0.10
N GLU A 526 21.27 -33.74 -0.41
CA GLU A 526 21.54 -35.17 -0.65
C GLU A 526 22.37 -35.37 -1.91
N ILE A 527 22.11 -34.54 -2.93
CA ILE A 527 22.79 -34.53 -4.22
C ILE A 527 24.27 -34.12 -4.03
N ILE A 528 24.52 -33.05 -3.23
CA ILE A 528 25.86 -32.54 -2.90
C ILE A 528 26.71 -33.63 -2.23
N MET A 529 26.18 -34.25 -1.16
CA MET A 529 26.84 -35.31 -0.39
C MET A 529 27.09 -36.58 -1.21
N GLY A 530 26.10 -36.97 -2.02
CA GLY A 530 26.16 -38.16 -2.85
C GLY A 530 26.90 -38.02 -4.16
N TYR A 531 27.32 -36.79 -4.53
CA TYR A 531 28.03 -36.54 -5.79
C TYR A 531 29.41 -37.16 -5.80
N LYS A 532 29.66 -37.99 -6.82
CA LYS A 532 30.92 -38.69 -7.04
C LYS A 532 31.40 -38.47 -8.47
N ILE A 533 32.72 -38.53 -8.67
CA ILE A 533 33.38 -38.35 -9.96
C ILE A 533 34.40 -39.47 -10.17
N MET A 534 34.73 -39.78 -11.44
CA MET A 534 35.70 -40.82 -11.75
C MET A 534 37.10 -40.17 -11.80
N ASP A 535 37.96 -40.58 -10.84
CA ASP A 535 39.34 -40.11 -10.67
C ASP A 535 40.26 -40.67 -11.78
N ALA A 536 41.54 -40.25 -11.83
CA ALA A 536 42.55 -40.76 -12.77
C ALA A 536 42.89 -42.23 -12.46
N THR A 537 42.75 -42.63 -11.16
CA THR A 537 42.98 -43.99 -10.64
C THR A 537 41.75 -44.90 -10.97
N ASN A 538 40.69 -44.32 -11.59
CA ASN A 538 39.41 -44.93 -11.97
C ASN A 538 38.64 -45.43 -10.73
N ILE A 539 38.53 -44.55 -9.72
CA ILE A 539 37.84 -44.77 -8.44
C ILE A 539 36.84 -43.62 -8.23
N LEU A 540 35.61 -43.93 -7.77
CA LEU A 540 34.58 -42.92 -7.52
C LEU A 540 34.85 -42.18 -6.21
N VAL A 541 35.14 -40.87 -6.32
CA VAL A 541 35.45 -39.98 -5.19
C VAL A 541 34.61 -38.69 -5.24
N SER A 542 34.32 -38.08 -4.07
CA SER A 542 33.58 -36.82 -4.01
C SER A 542 34.54 -35.65 -4.25
N PRO A 543 34.34 -34.83 -5.30
CA PRO A 543 35.26 -33.70 -5.53
C PRO A 543 34.95 -32.50 -4.62
N LEU A 544 33.92 -32.62 -3.78
CA LEU A 544 33.45 -31.58 -2.87
C LEU A 544 33.88 -31.87 -1.43
N VAL A 545 34.61 -30.91 -0.81
CA VAL A 545 35.05 -31.06 0.58
C VAL A 545 34.60 -29.84 1.42
N TYR A 546 34.84 -28.58 0.99
CA TYR A 546 34.40 -27.41 1.77
C TYR A 546 33.46 -26.48 1.02
N LEU A 547 32.35 -26.08 1.67
CA LEU A 547 31.40 -25.11 1.13
C LEU A 547 32.02 -23.73 1.39
N TYR A 548 32.02 -22.85 0.36
CA TYR A 548 32.59 -21.51 0.43
C TYR A 548 32.15 -20.72 1.69
N PRO A 549 33.09 -20.16 2.50
CA PRO A 549 34.55 -20.09 2.26
C PRO A 549 35.38 -21.26 2.78
N ASP A 550 35.00 -21.88 3.92
CA ASP A 550 35.77 -22.97 4.54
C ASP A 550 34.95 -24.01 5.34
N ILE A 551 33.61 -23.93 5.23
CA ILE A 551 32.70 -24.81 5.96
C ILE A 551 32.78 -26.27 5.48
N PRO A 552 33.18 -27.26 6.33
CA PRO A 552 33.19 -28.66 5.85
C PRO A 552 31.78 -29.09 5.45
N LYS A 553 31.63 -29.71 4.27
CA LYS A 553 30.35 -30.13 3.67
C LYS A 553 29.41 -30.87 4.63
N GLU A 554 29.93 -31.81 5.46
CA GLU A 554 29.14 -32.60 6.42
C GLU A 554 28.53 -31.74 7.54
N GLU A 555 29.19 -30.64 7.89
CA GLU A 555 28.75 -29.70 8.93
C GLU A 555 27.58 -28.85 8.40
N ALA A 556 27.60 -28.51 7.10
CA ALA A 556 26.59 -27.68 6.44
C ALA A 556 25.41 -28.43 5.82
N PHE A 557 25.65 -29.61 5.19
CA PHE A 557 24.61 -30.35 4.48
C PHE A 557 24.17 -31.68 5.15
N GLY A 558 24.89 -32.10 6.19
CA GLY A 558 24.59 -33.32 6.95
C GLY A 558 23.25 -33.30 7.67
N LYS A 559 22.87 -32.11 8.19
CA LYS A 559 21.60 -31.87 8.90
C LYS A 559 20.36 -31.97 7.99
N TYR A 560 20.56 -32.09 6.66
CA TYR A 560 19.47 -32.17 5.67
C TYR A 560 19.39 -33.53 4.93
N CYS A 561 20.19 -34.53 5.40
CA CYS A 561 20.24 -35.92 4.93
C CYS A 561 20.95 -36.82 5.95
C1 KQV B . 25.78 -24.89 -16.79
C2 KQV B . 26.79 -25.66 -16.24
C3 KQV B . 27.14 -26.90 -16.79
C4 KQV B . 26.44 -27.35 -17.92
C5 KQV B . 27.91 -28.95 -17.34
C6 KQV B . 28.62 -30.25 -17.33
C7 KQV B . 30.08 -31.69 -15.91
C8 KQV B . 28.99 -32.76 -15.60
O1 KQV B . 25.69 -22.21 -18.36
N1 KQV B . 29.50 -30.43 -16.32
N2 KQV B . 29.37 -34.18 -15.83
N KQV B . 26.92 -28.61 -18.24
C KQV B . 25.41 -23.61 -16.03
O KQV B . 23.36 -22.71 -17.59
O8 KQV B . 28.42 -31.11 -18.19
C37 KQV B . 28.07 -27.93 -16.44
C38 KQV B . 25.44 -26.58 -18.51
C39 KQV B . 25.12 -25.36 -17.93
F1 KQV B . 24.59 -23.85 -14.98
P KQV B . 24.75 -22.21 -17.14
O2 KQV B . 24.69 -20.90 -16.43
F KQV B . 26.49 -23.19 -15.34
C36 KQV B . 31.17 -31.75 -14.79
N6 KQV B . 32.35 -32.61 -15.21
C34 KQV B . 33.47 -32.11 -15.81
O6 KQV B . 34.52 -32.03 -15.19
C35 KQV B . 33.39 -31.68 -17.25
C33 KQV B . 32.29 -34.05 -14.89
C32 KQV B . 31.79 -34.94 -15.99
C31 KQV B . 30.46 -34.64 -16.71
O7 KQV B . 27.89 -32.45 -15.19
C30 KQV B . 29.82 -35.82 -17.44
C29 KQV B . 28.82 -36.39 -16.43
C9 KQV B . 28.26 -35.14 -15.75
C10 KQV B . 27.81 -35.43 -14.32
O5 KQV B . 28.61 -35.39 -13.38
N3 KQV B . 26.51 -35.71 -14.18
C11 KQV B . 25.85 -35.88 -12.89
C12 KQV B . 24.35 -35.67 -13.02
C13 KQV B . 23.96 -34.21 -13.33
C14 KQV B . 22.48 -33.98 -13.57
O3 KQV B . 21.66 -34.89 -13.42
N4 KQV B . 22.15 -32.76 -13.94
C15 KQV B . 26.14 -37.24 -12.24
O4 KQV B . 26.06 -37.36 -11.02
N5 KQV B . 26.48 -38.24 -13.06
C16 KQV B . 26.69 -39.60 -12.58
C23 KQV B . 25.63 -40.60 -13.05
C28 KQV B . 24.51 -40.16 -13.76
C27 KQV B . 23.52 -41.05 -14.12
C26 KQV B . 23.62 -42.39 -13.77
C25 KQV B . 24.73 -42.83 -13.08
C24 KQV B . 25.73 -41.95 -12.73
C17 KQV B . 28.12 -40.09 -12.83
C22 KQV B . 28.97 -40.31 -11.75
C21 KQV B . 30.27 -40.79 -11.96
C20 KQV B . 30.70 -41.05 -13.24
C19 KQV B . 29.86 -40.84 -14.31
C18 KQV B . 28.58 -40.36 -14.11
#